data_3BDD
#
_entry.id   3BDD
#
_cell.length_a   50.734
_cell.length_b   100.430
_cell.length_c   68.695
_cell.angle_alpha   90.000
_cell.angle_beta   111.420
_cell.angle_gamma   90.000
#
_symmetry.space_group_name_H-M   'P 1 21 1'
#
loop_
_entity.id
_entity.type
_entity.pdbx_description
1 polymer 'Regulatory protein MarR'
2 non-polymer 'PHOSPHATE ION'
3 non-polymer GLYCEROL
4 water water
#
_entity_poly.entity_id   1
_entity_poly.type   'polypeptide(L)'
_entity_poly.pdbx_seq_one_letter_code
;G(MSE)QE(MSE)EDLLYRLKVADETISNLFEKQLGISLTRYSILQTLLKDAPLHQLALQERLQIDRAAVTRHLKLLEES
GYIIRKRNPDNQREVLVWPTEQAREALITNPSAHHQAIKTS(MSE)NQILTVEESEQFLATLDKLLIGLQNLPI
;
_entity_poly.pdbx_strand_id   A,B,C,D
#
# COMPACT_ATOMS: atom_id res chain seq x y z
N GLN A 3 29.69 3.81 -16.49
CA GLN A 3 28.96 4.33 -15.28
C GLN A 3 27.96 5.47 -15.58
N GLU A 4 28.14 6.17 -16.70
CA GLU A 4 27.26 7.27 -17.12
C GLU A 4 25.91 6.73 -17.61
N GLU A 6 24.60 3.66 -16.97
CA GLU A 6 23.94 2.95 -15.86
C GLU A 6 23.15 3.91 -14.93
N ASP A 7 23.65 5.13 -14.74
CA ASP A 7 22.96 6.17 -13.95
C ASP A 7 21.70 6.67 -14.69
N LEU A 8 21.81 6.90 -16.00
CA LEU A 8 20.68 7.36 -16.84
C LEU A 8 19.51 6.38 -16.76
N LEU A 9 19.84 5.08 -16.87
CA LEU A 9 18.85 4.01 -16.77
C LEU A 9 18.20 3.99 -15.37
N TYR A 10 19.00 4.21 -14.33
CA TYR A 10 18.46 4.29 -12.96
C TYR A 10 17.57 5.54 -12.77
N ARG A 11 18.01 6.68 -13.29
CA ARG A 11 17.22 7.93 -13.25
C ARG A 11 15.89 7.78 -14.00
N LEU A 12 15.91 6.96 -15.06
CA LEU A 12 14.72 6.63 -15.84
C LEU A 12 13.74 5.76 -15.01
N LYS A 13 14.29 4.84 -14.20
CA LYS A 13 13.49 4.00 -13.28
C LYS A 13 12.82 4.82 -12.18
N VAL A 14 13.58 5.70 -11.55
CA VAL A 14 13.09 6.56 -10.46
C VAL A 14 11.99 7.49 -10.97
N ALA A 15 12.22 8.09 -12.15
CA ALA A 15 11.23 8.93 -12.84
C ALA A 15 9.93 8.20 -13.08
N ASP A 16 10.02 6.96 -13.60
CA ASP A 16 8.86 6.11 -13.87
C ASP A 16 8.05 5.81 -12.60
N GLU A 17 8.74 5.41 -11.54
CA GLU A 17 8.09 5.13 -10.24
C GLU A 17 7.39 6.38 -9.66
N THR A 18 8.05 7.54 -9.76
CA THR A 18 7.48 8.81 -9.31
C THR A 18 6.26 9.21 -10.16
N ILE A 19 6.38 9.10 -11.49
CA ILE A 19 5.30 9.41 -12.44
C ILE A 19 4.07 8.54 -12.24
N SER A 20 4.28 7.23 -12.15
CA SER A 20 3.19 6.24 -11.96
C SER A 20 2.35 6.53 -10.70
N ASN A 21 3.03 6.89 -9.61
CA ASN A 21 2.36 7.22 -8.35
CA ASN A 21 2.37 7.23 -8.34
C ASN A 21 1.55 8.52 -8.48
N LEU A 22 2.21 9.57 -8.99
CA LEU A 22 1.56 10.88 -9.23
C LEU A 22 0.35 10.79 -10.17
N PHE A 23 0.51 10.05 -11.27
CA PHE A 23 -0.57 9.88 -12.26
C PHE A 23 -1.80 9.24 -11.62
N GLU A 24 -1.58 8.17 -10.84
CA GLU A 24 -2.69 7.46 -10.18
C GLU A 24 -3.43 8.34 -9.19
N LYS A 25 -2.69 9.09 -8.38
CA LYS A 25 -3.28 10.02 -7.41
C LYS A 25 -4.04 11.18 -8.06
N GLN A 26 -3.40 11.80 -9.06
CA GLN A 26 -3.98 12.96 -9.77
C GLN A 26 -5.18 12.65 -10.65
N LEU A 27 -5.12 11.55 -11.41
CA LEU A 27 -6.22 11.12 -12.30
C LEU A 27 -7.17 10.08 -11.68
N GLY A 28 -6.82 9.53 -10.50
CA GLY A 28 -7.65 8.50 -9.85
C GLY A 28 -7.66 7.12 -10.49
N ILE A 29 -6.85 6.91 -11.53
CA ILE A 29 -6.76 5.64 -12.27
C ILE A 29 -5.30 5.45 -12.63
N SER A 30 -4.79 4.22 -12.52
CA SER A 30 -3.40 3.95 -12.87
C SER A 30 -3.12 4.19 -14.35
N LEU A 31 -1.86 4.49 -14.65
CA LEU A 31 -1.39 4.79 -16.02
C LEU A 31 -1.78 3.69 -17.04
N THR A 32 -1.60 2.42 -16.66
CA THR A 32 -1.94 1.29 -17.55
C THR A 32 -3.44 1.17 -17.77
N ARG A 33 -4.22 1.18 -16.69
CA ARG A 33 -5.69 1.10 -16.78
C ARG A 33 -6.30 2.33 -17.48
N TYR A 34 -5.69 3.49 -17.29
CA TYR A 34 -6.09 4.72 -17.99
C TYR A 34 -5.85 4.57 -19.51
N SER A 35 -4.72 3.97 -19.90
CA SER A 35 -4.40 3.72 -21.34
C SER A 35 -5.38 2.73 -21.97
N ILE A 36 -5.75 1.68 -21.23
CA ILE A 36 -6.75 0.68 -21.67
C ILE A 36 -8.05 1.41 -22.02
N LEU A 37 -8.54 2.25 -21.10
CA LEU A 37 -9.77 3.02 -21.32
C LEU A 37 -9.65 3.99 -22.50
N GLN A 38 -8.54 4.73 -22.57
CA GLN A 38 -8.27 5.64 -23.73
C GLN A 38 -8.28 4.89 -25.06
N THR A 39 -7.64 3.71 -25.09
CA THR A 39 -7.62 2.86 -26.28
C THR A 39 -9.04 2.36 -26.63
N LEU A 40 -9.78 1.87 -25.63
CA LEU A 40 -11.16 1.37 -25.81
C LEU A 40 -12.15 2.47 -26.23
N LEU A 41 -12.03 3.65 -25.65
CA LEU A 41 -12.86 4.81 -26.03
C LEU A 41 -12.62 5.29 -27.48
N LYS A 42 -11.43 5.03 -28.01
CA LYS A 42 -11.07 5.35 -29.39
C LYS A 42 -11.39 4.20 -30.35
N ASP A 43 -11.00 2.97 -29.99
CA ASP A 43 -11.04 1.80 -30.89
C ASP A 43 -11.84 0.54 -30.50
N ALA A 44 -12.76 0.64 -29.53
CA ALA A 44 -13.61 -0.54 -29.16
C ALA A 44 -14.55 -0.90 -30.31
N PRO A 45 -14.93 -2.20 -30.45
CA PRO A 45 -14.57 -3.36 -29.62
C PRO A 45 -13.17 -3.90 -29.89
N LEU A 46 -12.56 -4.45 -28.85
CA LEU A 46 -11.23 -5.07 -28.92
C LEU A 46 -11.20 -6.36 -28.11
N HIS A 47 -10.50 -7.36 -28.64
CA HIS A 47 -10.29 -8.63 -27.95
C HIS A 47 -9.22 -8.38 -26.88
N GLN A 48 -9.28 -9.16 -25.80
CA GLN A 48 -8.28 -9.11 -24.72
C GLN A 48 -6.83 -9.28 -25.26
N LEU A 49 -6.66 -10.16 -26.25
CA LEU A 49 -5.38 -10.40 -26.92
C LEU A 49 -4.84 -9.12 -27.58
N ALA A 50 -5.72 -8.37 -28.25
CA ALA A 50 -5.35 -7.09 -28.89
C ALA A 50 -4.78 -6.12 -27.84
N LEU A 51 -5.43 -6.02 -26.69
CA LEU A 51 -4.96 -5.18 -25.57
C LEU A 51 -3.56 -5.59 -25.07
N GLN A 52 -3.30 -6.90 -25.00
CA GLN A 52 -1.98 -7.42 -24.56
C GLN A 52 -0.85 -6.97 -25.51
N GLU A 53 -1.12 -7.01 -26.81
CA GLU A 53 -0.15 -6.58 -27.80
C GLU A 53 0.03 -5.05 -27.78
N ARG A 54 -1.08 -4.32 -27.76
CA ARG A 54 -1.03 -2.85 -27.73
C ARG A 54 -0.33 -2.29 -26.49
N LEU A 55 -0.62 -2.88 -25.34
CA LEU A 55 -0.01 -2.46 -24.06
C LEU A 55 1.35 -3.13 -23.75
N GLN A 56 1.70 -4.20 -24.47
CA GLN A 56 2.97 -4.93 -24.30
C GLN A 56 3.12 -5.56 -22.90
N ILE A 57 2.05 -6.25 -22.48
CA ILE A 57 1.97 -6.95 -21.20
C ILE A 57 1.33 -8.32 -21.42
N ASP A 58 1.62 -9.27 -20.53
CA ASP A 58 1.13 -10.66 -20.66
C ASP A 58 -0.38 -10.81 -20.36
N ARG A 59 -0.89 -12.03 -20.54
CA ARG A 59 -2.30 -12.37 -20.29
C ARG A 59 -2.74 -12.20 -18.82
N ALA A 60 -1.86 -12.58 -17.88
CA ALA A 60 -2.14 -12.44 -16.43
C ALA A 60 -2.34 -10.98 -16.01
N ALA A 61 -1.53 -10.08 -16.55
CA ALA A 61 -1.62 -8.63 -16.24
C ALA A 61 -2.90 -8.02 -16.77
N VAL A 62 -3.23 -8.29 -18.03
CA VAL A 62 -4.45 -7.76 -18.66
C VAL A 62 -5.71 -8.29 -17.96
N THR A 63 -5.70 -9.57 -17.59
CA THR A 63 -6.80 -10.20 -16.84
C THR A 63 -7.03 -9.48 -15.51
N ARG A 64 -5.94 -9.10 -14.82
CA ARG A 64 -6.03 -8.32 -13.58
C ARG A 64 -6.62 -6.92 -13.86
N HIS A 65 -6.04 -6.21 -14.82
CA HIS A 65 -6.49 -4.85 -15.20
C HIS A 65 -7.96 -4.78 -15.58
N LEU A 66 -8.38 -5.70 -16.44
CA LEU A 66 -9.78 -5.77 -16.91
C LEU A 66 -10.77 -6.16 -15.81
N LYS A 67 -10.35 -7.01 -14.88
CA LYS A 67 -11.17 -7.41 -13.73
C LYS A 67 -11.42 -6.18 -12.85
N LEU A 68 -10.36 -5.41 -12.58
CA LEU A 68 -10.45 -4.18 -11.78
C LEU A 68 -11.36 -3.12 -12.43
N LEU A 69 -11.17 -2.87 -13.73
CA LEU A 69 -12.01 -1.93 -14.51
C LEU A 69 -13.49 -2.37 -14.58
N GLU A 70 -13.73 -3.68 -14.70
CA GLU A 70 -15.09 -4.25 -14.77
C GLU A 70 -15.79 -4.14 -13.41
N GLU A 71 -15.08 -4.50 -12.32
CA GLU A 71 -15.60 -4.38 -10.95
C GLU A 71 -15.96 -2.94 -10.56
N SER A 72 -15.19 -1.95 -11.05
CA SER A 72 -15.44 -0.54 -10.78
C SER A 72 -16.34 0.17 -11.83
N GLY A 73 -16.87 -0.60 -12.79
CA GLY A 73 -17.82 -0.11 -13.81
C GLY A 73 -17.31 0.66 -15.01
N TYR A 74 -16.03 0.50 -15.34
CA TYR A 74 -15.38 1.20 -16.47
C TYR A 74 -15.37 0.45 -17.80
N ILE A 75 -15.48 -0.88 -17.75
CA ILE A 75 -15.55 -1.73 -18.95
C ILE A 75 -16.54 -2.89 -18.78
N ILE A 76 -16.94 -3.47 -19.92
CA ILE A 76 -17.76 -4.69 -19.96
C ILE A 76 -17.12 -5.65 -20.97
N ARG A 77 -17.28 -6.95 -20.72
CA ARG A 77 -16.81 -7.99 -21.62
C ARG A 77 -18.03 -8.80 -22.01
N LYS A 78 -18.42 -8.70 -23.29
CA LYS A 78 -19.60 -9.35 -23.83
C LYS A 78 -19.27 -10.24 -25.02
N ARG A 79 -20.06 -11.31 -25.14
CA ARG A 79 -19.93 -12.26 -26.23
C ARG A 79 -20.53 -11.66 -27.49
N ASN A 80 -19.93 -11.97 -28.65
CA ASN A 80 -20.44 -11.54 -29.96
C ASN A 80 -21.71 -12.37 -30.23
N PRO A 81 -22.88 -11.72 -30.49
CA PRO A 81 -24.12 -12.47 -30.79
C PRO A 81 -24.06 -13.48 -31.96
N ASP A 82 -23.20 -13.24 -32.95
CA ASP A 82 -23.00 -14.18 -34.09
C ASP A 82 -21.94 -15.27 -33.83
N ASN A 83 -20.96 -14.98 -32.97
CA ASN A 83 -19.89 -15.92 -32.59
C ASN A 83 -19.85 -15.93 -31.06
N GLN A 84 -20.76 -16.70 -30.46
CA GLN A 84 -21.00 -16.77 -29.00
C GLN A 84 -19.77 -16.97 -28.10
N ARG A 85 -18.78 -17.72 -28.58
CA ARG A 85 -17.54 -17.95 -27.79
C ARG A 85 -16.46 -16.85 -27.93
N GLU A 86 -16.64 -15.92 -28.89
CA GLU A 86 -15.75 -14.76 -29.07
C GLU A 86 -16.11 -13.71 -28.03
N VAL A 87 -15.11 -13.18 -27.32
CA VAL A 87 -15.32 -12.17 -26.24
C VAL A 87 -14.71 -10.82 -26.66
N LEU A 88 -15.52 -9.76 -26.59
CA LEU A 88 -15.13 -8.40 -26.96
C LEU A 88 -15.22 -7.46 -25.76
N VAL A 89 -14.21 -6.61 -25.61
CA VAL A 89 -14.12 -5.66 -24.50
C VAL A 89 -14.62 -4.31 -25.00
N TRP A 90 -15.45 -3.65 -24.18
CA TRP A 90 -16.02 -2.33 -24.50
C TRP A 90 -15.90 -1.38 -23.31
N PRO A 91 -15.84 -0.05 -23.58
CA PRO A 91 -15.92 0.90 -22.49
C PRO A 91 -17.39 1.12 -22.13
N THR A 92 -17.63 1.66 -20.94
CA THR A 92 -18.97 1.96 -20.45
C THR A 92 -19.23 3.46 -20.55
N GLU A 93 -20.47 3.87 -20.27
CA GLU A 93 -20.84 5.30 -20.22
C GLU A 93 -20.06 6.03 -19.11
N GLN A 94 -19.84 5.35 -17.99
CA GLN A 94 -19.05 5.87 -16.86
C GLN A 94 -17.62 6.21 -17.29
N ALA A 95 -17.00 5.34 -18.09
CA ALA A 95 -15.63 5.56 -18.58
C ALA A 95 -15.53 6.76 -19.52
N ARG A 96 -16.49 6.89 -20.45
CA ARG A 96 -16.53 8.03 -21.39
C ARG A 96 -16.79 9.35 -20.66
N GLU A 97 -17.64 9.30 -19.63
CA GLU A 97 -17.91 10.46 -18.79
C GLU A 97 -16.70 10.84 -17.95
N ALA A 98 -16.09 9.87 -17.26
CA ALA A 98 -14.92 10.15 -16.39
C ALA A 98 -13.70 10.72 -17.12
N LEU A 99 -13.41 10.22 -18.32
CA LEU A 99 -12.24 10.66 -19.11
C LEU A 99 -12.48 11.75 -20.16
N ILE A 100 -13.66 11.76 -20.80
CA ILE A 100 -13.94 12.69 -21.91
C ILE A 100 -15.09 13.68 -21.69
N THR A 101 -16.33 13.17 -21.62
CA THR A 101 -17.53 14.03 -21.64
C THR A 101 -17.99 14.67 -20.30
N ASN A 102 -17.58 14.14 -19.16
CA ASN A 102 -17.94 14.72 -17.84
C ASN A 102 -16.80 14.63 -16.82
N PRO A 103 -15.59 15.15 -17.17
CA PRO A 103 -14.50 15.00 -16.22
C PRO A 103 -14.67 16.01 -15.10
N SER A 104 -14.18 15.68 -13.90
CA SER A 104 -14.23 16.59 -12.75
C SER A 104 -13.32 17.77 -13.05
N ALA A 105 -13.66 18.94 -12.51
CA ALA A 105 -12.89 20.19 -12.67
C ALA A 105 -11.40 19.98 -12.48
N HIS A 106 -11.05 19.17 -11.46
CA HIS A 106 -9.66 18.83 -11.17
C HIS A 106 -9.05 17.99 -12.30
N HIS A 107 -9.77 16.96 -12.76
CA HIS A 107 -9.27 16.11 -13.86
C HIS A 107 -9.09 16.90 -15.18
N GLN A 108 -9.98 17.88 -15.45
CA GLN A 108 -9.81 18.72 -16.65
CA GLN A 108 -9.85 18.76 -16.63
C GLN A 108 -8.58 19.61 -16.53
N ALA A 109 -8.37 20.20 -15.34
CA ALA A 109 -7.21 21.05 -15.05
C ALA A 109 -5.88 20.27 -15.15
N ILE A 110 -5.88 19.01 -14.69
CA ILE A 110 -4.70 18.13 -14.78
C ILE A 110 -4.42 17.77 -16.24
N LYS A 111 -5.47 17.40 -17.00
CA LYS A 111 -5.34 17.07 -18.44
C LYS A 111 -4.69 18.20 -19.24
N THR A 112 -5.21 19.42 -19.05
CA THR A 112 -4.71 20.62 -19.74
C THR A 112 -3.29 20.97 -19.31
N SER A 113 -3.03 20.94 -18.00
CA SER A 113 -1.70 21.24 -17.45
C SER A 113 -0.64 20.22 -17.93
N ASN A 115 -0.70 18.50 -20.77
CA ASN A 115 -0.48 18.76 -22.21
C ASN A 115 0.42 19.95 -22.54
N GLN A 116 0.65 20.85 -21.58
CA GLN A 116 1.49 22.04 -21.76
C GLN A 116 2.85 22.00 -20.99
N ILE A 117 3.31 20.80 -20.61
CA ILE A 117 4.61 20.61 -19.92
C ILE A 117 5.73 20.61 -20.97
N LEU A 118 5.65 19.66 -21.90
CA LEU A 118 6.61 19.52 -23.01
C LEU A 118 5.95 19.90 -24.33
N THR A 119 6.74 20.44 -25.24
CA THR A 119 6.30 20.76 -26.61
C THR A 119 6.27 19.47 -27.41
N VAL A 120 5.62 19.51 -28.58
CA VAL A 120 5.50 18.33 -29.47
C VAL A 120 6.89 17.88 -29.99
N GLU A 121 7.80 18.83 -30.21
CA GLU A 121 9.18 18.55 -30.66
C GLU A 121 10.01 17.79 -29.61
N GLU A 122 10.13 18.35 -28.40
CA GLU A 122 10.90 17.70 -27.30
C GLU A 122 10.23 16.40 -26.81
N SER A 123 8.92 16.28 -26.99
CA SER A 123 8.18 15.05 -26.70
C SER A 123 8.58 13.95 -27.71
N GLU A 124 8.53 14.30 -29.00
CA GLU A 124 8.90 13.38 -30.10
C GLU A 124 10.39 13.02 -30.12
N GLN A 125 11.26 13.95 -29.72
CA GLN A 125 12.70 13.73 -29.62
C GLN A 125 13.01 12.78 -28.45
N PHE A 126 12.30 12.94 -27.32
CA PHE A 126 12.43 12.09 -26.13
C PHE A 126 12.09 10.62 -26.45
N LEU A 127 10.96 10.40 -27.13
CA LEU A 127 10.53 9.06 -27.55
C LEU A 127 11.45 8.43 -28.61
N ALA A 128 12.06 9.26 -29.47
CA ALA A 128 13.02 8.81 -30.47
C ALA A 128 14.31 8.30 -29.79
N THR A 129 14.80 9.07 -28.82
CA THR A 129 15.98 8.70 -28.00
C THR A 129 15.70 7.46 -27.12
N LEU A 130 14.44 7.32 -26.67
CA LEU A 130 13.99 6.17 -25.86
C LEU A 130 14.03 4.87 -26.68
N ASP A 131 13.53 4.93 -27.92
CA ASP A 131 13.53 3.78 -28.85
C ASP A 131 14.95 3.41 -29.23
N LYS A 132 15.76 4.41 -29.56
CA LYS A 132 17.20 4.23 -29.87
C LYS A 132 17.94 3.55 -28.70
N LEU A 133 17.58 3.92 -27.47
CA LEU A 133 18.13 3.32 -26.25
C LEU A 133 17.68 1.85 -26.10
N LEU A 134 16.38 1.60 -26.29
CA LEU A 134 15.82 0.24 -26.24
C LEU A 134 16.44 -0.68 -27.28
N ILE A 135 16.55 -0.20 -28.52
CA ILE A 135 17.17 -0.94 -29.65
C ILE A 135 18.60 -1.33 -29.30
N GLY A 136 19.38 -0.36 -28.80
CA GLY A 136 20.76 -0.58 -28.38
C GLY A 136 20.93 -1.58 -27.24
N LEU A 137 20.03 -1.55 -26.25
CA LEU A 137 20.07 -2.51 -25.12
C LEU A 137 19.72 -3.93 -25.58
N GLN A 138 18.70 -4.03 -26.44
CA GLN A 138 18.29 -5.31 -27.07
C GLN A 138 19.42 -5.96 -27.88
N ASN A 139 20.22 -5.12 -28.57
CA ASN A 139 21.36 -5.57 -29.39
C ASN A 139 22.69 -5.80 -28.63
N LEU A 140 22.64 -5.86 -27.29
CA LEU A 140 23.86 -6.13 -26.47
C LEU A 140 24.29 -7.60 -26.63
N PRO A 141 25.60 -7.91 -26.48
CA PRO A 141 26.15 -9.29 -26.66
C PRO A 141 25.41 -10.45 -25.97
N ILE A 142 25.50 -11.64 -26.60
CA ILE A 142 24.80 -12.90 -26.22
C ILE A 142 23.30 -12.80 -26.54
N GLN B 3 -3.53 12.71 -23.52
CA GLN B 3 -3.76 12.10 -24.86
C GLN B 3 -2.43 11.60 -25.45
N GLU B 4 -1.63 12.51 -26.03
CA GLU B 4 -0.29 12.18 -26.54
C GLU B 4 0.67 12.07 -25.34
N GLU B 6 -0.11 11.15 -22.25
CA GLU B 6 -0.41 9.86 -21.60
C GLU B 6 0.31 8.69 -22.31
N ASP B 7 0.38 8.75 -23.64
CA ASP B 7 1.08 7.75 -24.45
C ASP B 7 2.59 7.78 -24.21
N LEU B 8 3.16 8.99 -24.04
CA LEU B 8 4.59 9.15 -23.73
C LEU B 8 4.93 8.53 -22.36
N LEU B 9 4.09 8.81 -21.36
CA LEU B 9 4.27 8.26 -20.01
C LEU B 9 4.14 6.73 -20.00
N TYR B 10 3.18 6.19 -20.76
CA TYR B 10 3.00 4.74 -20.84
C TYR B 10 4.18 4.05 -21.54
N ARG B 11 4.64 4.61 -22.65
CA ARG B 11 5.83 4.10 -23.37
C ARG B 11 7.08 4.10 -22.47
N LEU B 12 7.18 5.12 -21.60
CA LEU B 12 8.25 5.21 -20.60
C LEU B 12 8.16 4.07 -19.58
N LYS B 13 6.93 3.70 -19.18
CA LYS B 13 6.72 2.59 -18.25
C LYS B 13 7.14 1.25 -18.87
N VAL B 14 6.73 1.03 -20.12
CA VAL B 14 7.08 -0.20 -20.86
C VAL B 14 8.60 -0.28 -21.09
N ALA B 15 9.22 0.86 -21.40
CA ALA B 15 10.68 0.97 -21.59
C ALA B 15 11.43 0.61 -20.30
N ASP B 16 11.00 1.16 -19.16
CA ASP B 16 11.63 0.87 -17.85
C ASP B 16 11.59 -0.61 -17.51
N GLU B 17 10.45 -1.25 -17.72
CA GLU B 17 10.25 -2.68 -17.45
C GLU B 17 11.16 -3.57 -18.34
N THR B 18 11.30 -3.18 -19.61
CA THR B 18 12.18 -3.88 -20.55
C THR B 18 13.66 -3.64 -20.17
N ILE B 19 14.00 -2.39 -19.89
CA ILE B 19 15.36 -1.99 -19.46
C ILE B 19 15.82 -2.73 -18.20
N SER B 20 14.99 -2.72 -17.15
CA SER B 20 15.30 -3.38 -15.87
C SER B 20 15.54 -4.88 -15.99
N ASN B 21 14.70 -5.55 -16.80
CA ASN B 21 14.84 -7.00 -17.03
C ASN B 21 16.12 -7.32 -17.79
N LEU B 22 16.35 -6.59 -18.90
CA LEU B 22 17.59 -6.72 -19.71
C LEU B 22 18.86 -6.46 -18.90
N PHE B 23 18.82 -5.42 -18.04
CA PHE B 23 19.96 -5.02 -17.20
C PHE B 23 20.36 -6.13 -16.21
N GLU B 24 19.38 -6.68 -15.49
CA GLU B 24 19.61 -7.75 -14.51
C GLU B 24 20.10 -9.06 -15.14
N LYS B 25 19.62 -9.38 -16.33
CA LYS B 25 20.07 -10.59 -17.06
C LYS B 25 21.51 -10.46 -17.57
N GLN B 26 21.89 -9.28 -18.06
CA GLN B 26 23.24 -9.03 -18.61
C GLN B 26 24.35 -8.75 -17.60
N LEU B 27 24.02 -8.05 -16.51
CA LEU B 27 24.99 -7.70 -15.45
C LEU B 27 24.84 -8.53 -14.18
N GLY B 28 23.78 -9.34 -14.07
CA GLY B 28 23.54 -10.20 -12.91
C GLY B 28 23.10 -9.53 -11.62
N ILE B 29 22.91 -8.20 -11.65
CA ILE B 29 22.50 -7.41 -10.51
C ILE B 29 21.40 -6.46 -11.00
N SER B 30 20.39 -6.21 -10.17
CA SER B 30 19.32 -5.30 -10.55
C SER B 30 19.85 -3.88 -10.70
N LEU B 31 19.16 -3.08 -11.51
CA LEU B 31 19.55 -1.69 -11.79
C LEU B 31 19.71 -0.85 -10.51
N THR B 32 18.77 -1.00 -9.57
CA THR B 32 18.79 -0.27 -8.29
C THR B 32 19.97 -0.71 -7.43
N ARG B 33 20.12 -2.04 -7.25
CA ARG B 33 21.25 -2.59 -6.48
C ARG B 33 22.61 -2.28 -7.11
N TYR B 34 22.68 -2.20 -8.44
CA TYR B 34 23.91 -1.80 -9.16
C TYR B 34 24.28 -0.33 -8.84
N SER B 35 23.27 0.55 -8.78
CA SER B 35 23.46 1.96 -8.44
C SER B 35 23.89 2.16 -6.99
N ILE B 36 23.37 1.33 -6.07
CA ILE B 36 23.77 1.32 -4.67
C ILE B 36 25.28 1.05 -4.57
N LEU B 37 25.74 0.01 -5.25
CA LEU B 37 27.18 -0.35 -5.29
C LEU B 37 28.05 0.73 -5.95
N GLN B 38 27.58 1.36 -7.02
CA GLN B 38 28.29 2.48 -7.69
C GLN B 38 28.48 3.67 -6.74
N THR B 39 27.45 3.97 -5.96
CA THR B 39 27.48 5.05 -4.96
C THR B 39 28.48 4.70 -3.84
N LEU B 40 28.42 3.46 -3.34
CA LEU B 40 29.34 2.96 -2.30
C LEU B 40 30.80 2.94 -2.78
N LEU B 41 31.05 2.40 -3.96
CA LEU B 41 32.41 2.34 -4.55
C LEU B 41 33.05 3.72 -4.80
N LYS B 42 32.23 4.74 -5.08
CA LYS B 42 32.70 6.10 -5.31
C LYS B 42 33.01 6.80 -3.99
N ASP B 43 31.98 6.95 -3.15
CA ASP B 43 32.08 7.65 -1.86
C ASP B 43 31.45 6.89 -0.66
N ALA B 44 32.24 5.99 -0.07
CA ALA B 44 31.85 5.19 1.12
C ALA B 44 32.78 5.51 2.30
N PRO B 45 32.33 5.20 3.55
CA PRO B 45 31.05 4.62 3.96
C PRO B 45 29.92 5.63 4.04
N LEU B 46 28.69 5.13 3.89
CA LEU B 46 27.47 5.94 3.95
C LEU B 46 26.47 5.31 4.92
N HIS B 47 25.63 6.16 5.51
CA HIS B 47 24.54 5.71 6.39
C HIS B 47 23.42 5.30 5.44
N GLN B 48 22.57 4.36 5.86
CA GLN B 48 21.47 3.89 4.98
C GLN B 48 20.39 4.98 4.77
N LEU B 49 20.28 5.94 5.70
CA LEU B 49 19.40 7.12 5.54
C LEU B 49 19.92 7.95 4.36
N ALA B 50 21.24 8.16 4.30
CA ALA B 50 21.90 8.87 3.19
C ALA B 50 21.75 8.12 1.86
N LEU B 51 21.74 6.78 1.92
CA LEU B 51 21.57 5.91 0.74
C LEU B 51 20.12 6.02 0.21
N GLN B 52 19.13 6.18 1.11
CA GLN B 52 17.71 6.42 0.73
C GLN B 52 17.55 7.74 -0.03
N GLU B 53 18.20 8.81 0.49
CA GLU B 53 18.18 10.15 -0.12
C GLU B 53 18.79 10.17 -1.53
N ARG B 54 20.03 9.70 -1.64
CA ARG B 54 20.78 9.69 -2.91
C ARG B 54 20.13 8.88 -4.04
N LEU B 55 19.50 7.75 -3.68
CA LEU B 55 18.80 6.87 -4.65
C LEU B 55 17.27 7.06 -4.75
N GLN B 56 16.69 7.78 -3.78
CA GLN B 56 15.25 8.15 -3.75
C GLN B 56 14.30 6.97 -3.63
N ILE B 57 14.40 6.27 -2.50
CA ILE B 57 13.59 5.10 -2.16
C ILE B 57 13.31 5.05 -0.65
N ASP B 58 12.17 4.47 -0.25
CA ASP B 58 11.77 4.40 1.17
C ASP B 58 12.60 3.39 1.97
N ARG B 59 12.47 3.46 3.31
CA ARG B 59 13.20 2.61 4.27
C ARG B 59 13.00 1.11 4.06
N ALA B 60 11.75 0.69 3.86
CA ALA B 60 11.40 -0.72 3.61
C ALA B 60 12.05 -1.29 2.35
N ALA B 61 12.17 -0.46 1.31
CA ALA B 61 12.81 -0.83 0.05
C ALA B 61 14.33 -0.98 0.18
N VAL B 62 14.99 0.01 0.80
CA VAL B 62 16.47 0.00 1.00
C VAL B 62 16.92 -1.22 1.81
N THR B 63 16.19 -1.53 2.88
CA THR B 63 16.46 -2.70 3.72
C THR B 63 16.42 -4.00 2.91
N ARG B 64 15.47 -4.09 1.98
CA ARG B 64 15.34 -5.25 1.06
C ARG B 64 16.52 -5.33 0.07
N HIS B 65 16.90 -4.18 -0.52
CA HIS B 65 18.03 -4.09 -1.46
C HIS B 65 19.35 -4.47 -0.79
N LEU B 66 19.62 -3.85 0.37
CA LEU B 66 20.84 -4.11 1.14
C LEU B 66 20.92 -5.53 1.71
N LYS B 67 19.77 -6.15 2.04
CA LYS B 67 19.72 -7.54 2.54
C LYS B 67 20.12 -8.53 1.43
N LEU B 68 19.62 -8.31 0.22
CA LEU B 68 19.99 -9.12 -0.95
C LEU B 68 21.46 -8.90 -1.33
N LEU B 69 21.94 -7.65 -1.23
CA LEU B 69 23.35 -7.31 -1.53
C LEU B 69 24.36 -7.96 -0.56
N GLU B 70 24.05 -7.97 0.74
CA GLU B 70 24.95 -8.62 1.73
C GLU B 70 24.90 -10.14 1.58
N GLU B 71 23.71 -10.68 1.30
CA GLU B 71 23.49 -12.12 1.04
C GLU B 71 24.33 -12.59 -0.17
N SER B 72 24.39 -11.76 -1.22
CA SER B 72 25.20 -12.04 -2.43
C SER B 72 26.69 -11.63 -2.33
N GLY B 73 27.15 -11.22 -1.14
CA GLY B 73 28.54 -10.87 -0.89
C GLY B 73 29.09 -9.54 -1.38
N TYR B 74 28.20 -8.59 -1.70
CA TYR B 74 28.62 -7.27 -2.24
C TYR B 74 28.74 -6.12 -1.24
N ILE B 75 28.03 -6.17 -0.11
CA ILE B 75 28.11 -5.13 0.95
C ILE B 75 28.10 -5.70 2.37
N ILE B 76 28.60 -4.91 3.32
CA ILE B 76 28.63 -5.25 4.75
C ILE B 76 28.13 -4.05 5.55
N ARG B 77 27.44 -4.32 6.67
CA ARG B 77 26.89 -3.28 7.55
C ARG B 77 27.28 -3.51 9.01
N LYS B 78 27.70 -2.43 9.68
CA LYS B 78 28.11 -2.43 11.10
C LYS B 78 27.17 -1.53 11.90
N GLU B 86 22.12 4.74 13.31
CA GLU B 86 23.58 4.66 13.32
C GLU B 86 24.08 3.36 12.68
N VAL B 87 23.78 3.20 11.38
CA VAL B 87 24.13 2.01 10.57
C VAL B 87 24.95 2.41 9.32
N LEU B 88 26.27 2.18 9.38
CA LEU B 88 27.20 2.46 8.27
C LEU B 88 27.18 1.31 7.25
N VAL B 89 27.40 1.64 5.97
CA VAL B 89 27.39 0.66 4.86
C VAL B 89 28.62 0.83 3.97
N TRP B 90 29.35 -0.27 3.73
CA TRP B 90 30.55 -0.32 2.87
C TRP B 90 30.34 -1.30 1.72
N PRO B 91 31.08 -1.12 0.61
CA PRO B 91 31.11 -2.14 -0.44
C PRO B 91 32.24 -3.14 -0.13
N THR B 92 32.02 -4.43 -0.38
CA THR B 92 33.04 -5.46 -0.14
C THR B 92 34.08 -5.45 -1.27
N GLU B 93 35.16 -6.20 -1.07
CA GLU B 93 36.22 -6.33 -2.09
C GLU B 93 35.68 -7.02 -3.36
N GLN B 94 34.72 -7.93 -3.18
CA GLN B 94 34.01 -8.61 -4.28
C GLN B 94 33.28 -7.60 -5.20
N ALA B 95 32.66 -6.57 -4.60
CA ALA B 95 31.95 -5.52 -5.35
C ALA B 95 32.90 -4.67 -6.22
N ARG B 96 34.00 -4.22 -5.62
CA ARG B 96 35.02 -3.43 -6.33
C ARG B 96 35.64 -4.23 -7.48
N GLU B 97 35.89 -5.51 -7.25
CA GLU B 97 36.41 -6.41 -8.29
C GLU B 97 35.34 -6.67 -9.36
N ALA B 98 34.13 -7.04 -8.95
CA ALA B 98 33.02 -7.32 -9.89
C ALA B 98 32.65 -6.15 -10.83
N LEU B 99 32.73 -4.92 -10.33
CA LEU B 99 32.36 -3.71 -11.10
C LEU B 99 33.54 -2.90 -11.67
N ILE B 100 34.59 -2.68 -10.87
CA ILE B 100 35.73 -1.81 -11.25
C ILE B 100 37.08 -2.50 -11.63
N THR B 101 37.76 -3.05 -10.63
CA THR B 101 39.14 -3.57 -10.80
C THR B 101 39.36 -4.92 -11.51
N ASN B 102 38.37 -5.81 -11.51
CA ASN B 102 38.48 -7.12 -12.20
C ASN B 102 37.12 -7.71 -12.66
N PRO B 103 36.39 -6.97 -13.53
CA PRO B 103 35.11 -7.47 -14.05
C PRO B 103 35.30 -8.55 -15.10
N SER B 104 34.28 -9.40 -15.26
CA SER B 104 34.31 -10.49 -16.25
C SER B 104 34.27 -9.93 -17.67
N ALA B 105 34.79 -10.70 -18.63
CA ALA B 105 34.81 -10.31 -20.06
C ALA B 105 33.43 -9.97 -20.60
N HIS B 106 32.41 -10.71 -20.13
CA HIS B 106 31.00 -10.45 -20.46
C HIS B 106 30.57 -9.08 -19.91
N HIS B 107 30.91 -8.79 -18.65
CA HIS B 107 30.55 -7.48 -18.04
C HIS B 107 31.32 -6.29 -18.64
N GLN B 108 32.58 -6.50 -19.02
CA GLN B 108 33.39 -5.46 -19.72
C GLN B 108 32.76 -5.14 -21.09
N ALA B 109 32.43 -6.21 -21.83
CA ALA B 109 31.77 -6.11 -23.15
C ALA B 109 30.38 -5.46 -23.07
N ILE B 110 29.63 -5.75 -22.01
CA ILE B 110 28.31 -5.15 -21.79
C ILE B 110 28.49 -3.66 -21.47
N LYS B 111 29.23 -3.36 -20.39
CA LYS B 111 29.53 -1.97 -19.94
C LYS B 111 30.04 -1.03 -21.04
N THR B 112 30.97 -1.50 -21.85
CA THR B 112 31.53 -0.72 -22.96
C THR B 112 30.48 -0.47 -24.05
N SER B 113 29.71 -1.51 -24.37
CA SER B 113 28.64 -1.43 -25.37
C SER B 113 27.48 -0.50 -24.94
N ASN B 115 27.66 2.25 -22.83
CA ASN B 115 28.14 3.65 -22.87
C ASN B 115 28.30 4.28 -24.27
N GLN B 116 28.30 3.46 -25.33
CA GLN B 116 28.32 3.94 -26.72
C GLN B 116 26.94 3.98 -27.42
N ILE B 117 25.84 3.56 -26.74
CA ILE B 117 24.48 3.55 -27.33
C ILE B 117 24.01 4.95 -27.73
N LEU B 118 24.19 5.90 -26.80
CA LEU B 118 23.84 7.31 -27.02
C LEU B 118 25.09 8.17 -26.90
N THR B 119 25.12 9.27 -27.65
CA THR B 119 26.20 10.27 -27.53
C THR B 119 25.96 11.09 -26.26
N VAL B 120 26.96 11.90 -25.88
CA VAL B 120 26.84 12.76 -24.70
C VAL B 120 25.75 13.83 -24.89
N GLU B 121 25.61 14.35 -26.11
CA GLU B 121 24.60 15.37 -26.46
C GLU B 121 23.16 14.86 -26.32
N GLU B 122 22.86 13.74 -26.99
CA GLU B 122 21.50 13.15 -26.94
C GLU B 122 21.17 12.50 -25.57
N SER B 123 22.21 12.06 -24.84
CA SER B 123 22.07 11.55 -23.46
C SER B 123 21.73 12.71 -22.50
N GLU B 124 22.46 13.83 -22.62
CA GLU B 124 22.20 15.05 -21.82
C GLU B 124 20.84 15.67 -22.12
N GLN B 125 20.44 15.69 -23.40
CA GLN B 125 19.13 16.23 -23.81
C GLN B 125 17.97 15.34 -23.31
N PHE B 126 18.20 14.03 -23.25
CA PHE B 126 17.22 13.06 -22.75
C PHE B 126 16.94 13.30 -21.27
N LEU B 127 18.01 13.41 -20.46
CA LEU B 127 17.90 13.70 -19.02
C LEU B 127 17.35 15.09 -18.73
N ALA B 128 17.64 16.06 -19.62
CA ALA B 128 17.13 17.43 -19.51
C ALA B 128 15.59 17.45 -19.68
N THR B 129 15.11 16.74 -20.70
CA THR B 129 13.67 16.62 -20.97
C THR B 129 12.95 15.80 -19.87
N LEU B 130 13.63 14.75 -19.38
CA LEU B 130 13.12 13.90 -18.29
C LEU B 130 12.88 14.73 -17.02
N ASP B 131 13.85 15.60 -16.67
CA ASP B 131 13.73 16.50 -15.52
C ASP B 131 12.66 17.58 -15.73
N LYS B 132 12.59 18.13 -16.94
CA LYS B 132 11.53 19.11 -17.29
C LYS B 132 10.11 18.47 -17.18
N LEU B 133 10.00 17.19 -17.56
CA LEU B 133 8.74 16.43 -17.48
C LEU B 133 8.34 16.19 -16.02
N LEU B 134 9.27 15.66 -15.21
CA LEU B 134 9.05 15.43 -13.77
C LEU B 134 8.68 16.69 -12.99
N ILE B 135 9.40 17.79 -13.26
CA ILE B 135 9.11 19.10 -12.63
C ILE B 135 7.69 19.54 -13.00
N GLY B 136 7.33 19.44 -14.28
CA GLY B 136 5.98 19.79 -14.75
C GLY B 136 4.88 18.95 -14.09
N LEU B 137 5.10 17.64 -13.98
CA LEU B 137 4.15 16.71 -13.35
C LEU B 137 4.04 16.94 -11.83
N GLN B 138 5.18 17.16 -11.17
CA GLN B 138 5.19 17.50 -9.72
C GLN B 138 4.57 18.87 -9.40
N ASN B 139 4.55 19.79 -10.38
CA ASN B 139 3.94 21.14 -10.25
C ASN B 139 2.45 21.24 -10.64
N LEU B 140 1.79 20.11 -10.94
CA LEU B 140 0.36 20.10 -11.37
C LEU B 140 -0.59 20.68 -10.29
N PRO B 141 -1.79 21.18 -10.70
CA PRO B 141 -2.73 21.79 -9.74
C PRO B 141 -3.09 20.93 -8.50
N ILE B 142 -3.37 21.63 -7.39
CA ILE B 142 -3.76 21.09 -6.05
C ILE B 142 -3.29 19.67 -5.70
N GLN C 3 -15.68 4.53 -4.84
CA GLN C 3 -14.72 4.60 -3.70
C GLN C 3 -14.51 3.21 -3.10
N GLU C 4 -13.25 2.79 -2.99
CA GLU C 4 -12.84 1.46 -2.46
C GLU C 4 -11.93 1.53 -1.22
N GLU C 6 -12.96 2.70 1.79
CA GLU C 6 -13.82 2.26 2.91
CA GLU C 6 -13.79 2.26 2.91
C GLU C 6 -13.82 0.73 3.05
N ASP C 7 -13.74 0.01 1.92
CA ASP C 7 -13.69 -1.46 1.91
C ASP C 7 -12.42 -1.96 2.63
N LEU C 8 -11.28 -1.33 2.34
CA LEU C 8 -10.01 -1.67 3.01
C LEU C 8 -10.09 -1.34 4.50
N LEU C 9 -10.65 -0.18 4.83
CA LEU C 9 -10.84 0.26 6.21
C LEU C 9 -11.78 -0.66 6.99
N TYR C 10 -12.90 -1.08 6.38
CA TYR C 10 -13.84 -1.99 7.04
C TYR C 10 -13.22 -3.38 7.24
N ARG C 11 -12.52 -3.89 6.24
CA ARG C 11 -11.80 -5.18 6.34
C ARG C 11 -10.75 -5.17 7.46
N LEU C 12 -10.13 -4.01 7.68
CA LEU C 12 -9.17 -3.81 8.77
C LEU C 12 -9.89 -3.90 10.14
N LYS C 13 -11.11 -3.36 10.20
CA LYS C 13 -11.94 -3.40 11.42
C LYS C 13 -12.38 -4.82 11.76
N VAL C 14 -12.84 -5.57 10.76
CA VAL C 14 -13.26 -6.96 10.93
C VAL C 14 -12.08 -7.83 11.37
N ALA C 15 -10.90 -7.59 10.78
CA ALA C 15 -9.67 -8.30 11.11
C ALA C 15 -9.29 -8.14 12.57
N ASP C 16 -9.29 -6.88 13.06
CA ASP C 16 -8.99 -6.55 14.47
C ASP C 16 -9.89 -7.33 15.45
N GLU C 17 -11.19 -7.42 15.14
CA GLU C 17 -12.15 -8.17 15.98
C GLU C 17 -11.84 -9.67 16.02
N THR C 18 -11.51 -10.24 14.85
CA THR C 18 -11.13 -11.65 14.72
C THR C 18 -9.82 -11.93 15.46
N ILE C 19 -8.83 -11.05 15.27
CA ILE C 19 -7.51 -11.15 15.91
C ILE C 19 -7.59 -11.11 17.44
N SER C 20 -8.36 -10.17 17.98
CA SER C 20 -8.54 -10.04 19.44
C SER C 20 -9.16 -11.29 20.09
N ASN C 21 -10.17 -11.88 19.43
CA ASN C 21 -10.81 -13.12 19.92
C ASN C 21 -9.86 -14.32 19.90
N LEU C 22 -9.17 -14.50 18.78
CA LEU C 22 -8.17 -15.57 18.59
C LEU C 22 -7.01 -15.48 19.58
N PHE C 23 -6.53 -14.25 19.81
CA PHE C 23 -5.39 -14.00 20.73
C PHE C 23 -5.75 -14.35 22.17
N GLU C 24 -6.92 -13.87 22.63
CA GLU C 24 -7.43 -14.11 23.99
C GLU C 24 -7.60 -15.64 24.23
N LYS C 25 -8.14 -16.31 23.22
CA LYS C 25 -8.39 -17.76 23.23
C LYS C 25 -7.09 -18.58 23.34
N GLN C 26 -6.11 -18.25 22.50
CA GLN C 26 -4.84 -18.98 22.44
C GLN C 26 -3.87 -18.70 23.59
N LEU C 27 -3.78 -17.44 24.01
CA LEU C 27 -2.87 -17.02 25.10
C LEU C 27 -3.51 -16.86 26.49
N GLY C 28 -4.84 -16.84 26.59
CA GLY C 28 -5.53 -16.68 27.87
C GLY C 28 -5.54 -15.28 28.50
N ILE C 29 -4.95 -14.29 27.79
CA ILE C 29 -4.90 -12.89 28.21
C ILE C 29 -5.26 -12.05 26.97
N SER C 30 -5.98 -10.94 27.16
CA SER C 30 -6.35 -10.07 26.02
C SER C 30 -5.13 -9.41 25.41
N LEU C 31 -5.27 -9.01 24.14
CA LEU C 31 -4.18 -8.37 23.38
C LEU C 31 -3.63 -7.13 24.09
N THR C 32 -4.54 -6.28 24.61
CA THR C 32 -4.16 -5.06 25.33
C THR C 32 -3.44 -5.40 26.62
N ARG C 33 -4.02 -6.28 27.44
CA ARG C 33 -3.39 -6.69 28.71
C ARG C 33 -2.06 -7.42 28.53
N TYR C 34 -1.94 -8.21 27.45
CA TYR C 34 -0.69 -8.90 27.11
C TYR C 34 0.39 -7.86 26.73
N SER C 35 -0.01 -6.85 25.93
CA SER C 35 0.87 -5.74 25.53
C SER C 35 1.32 -4.88 26.71
N ILE C 36 0.47 -4.74 27.72
CA ILE C 36 0.81 -4.05 28.98
C ILE C 36 1.95 -4.81 29.67
N LEU C 37 1.82 -6.14 29.77
CA LEU C 37 2.85 -6.98 30.41
C LEU C 37 4.20 -6.94 29.69
N GLN C 38 4.18 -7.03 28.35
CA GLN C 38 5.42 -6.99 27.57
C GLN C 38 6.15 -5.65 27.68
N THR C 39 5.39 -4.55 27.68
CA THR C 39 5.96 -3.22 27.86
C THR C 39 6.66 -3.14 29.21
N LEU C 40 5.96 -3.57 30.27
CA LEU C 40 6.49 -3.61 31.64
C LEU C 40 7.73 -4.51 31.75
N LEU C 41 7.66 -5.70 31.14
CA LEU C 41 8.80 -6.63 31.14
C LEU C 41 10.02 -6.10 30.35
N LYS C 42 9.78 -5.36 29.27
CA LYS C 42 10.86 -4.82 28.43
C LYS C 42 11.52 -3.58 29.01
N ASP C 43 10.73 -2.64 29.54
CA ASP C 43 11.31 -1.37 30.04
C ASP C 43 10.66 -0.78 31.29
N ALA C 44 10.66 -1.59 32.35
CA ALA C 44 10.24 -1.15 33.69
C ALA C 44 11.40 -0.29 34.25
N PRO C 45 11.12 0.62 35.21
CA PRO C 45 9.81 0.94 35.77
C PRO C 45 9.06 1.87 34.85
N LEU C 46 7.75 1.92 35.05
CA LEU C 46 6.88 2.82 34.31
C LEU C 46 5.74 3.28 35.20
N HIS C 47 5.38 4.54 35.04
CA HIS C 47 4.22 5.10 35.72
C HIS C 47 3.03 4.75 34.84
N GLN C 48 1.84 4.80 35.44
CA GLN C 48 0.59 4.54 34.70
C GLN C 48 0.46 5.48 33.48
N LEU C 49 0.87 6.74 33.65
CA LEU C 49 0.85 7.76 32.59
C LEU C 49 1.67 7.38 31.35
N ALA C 50 2.87 6.84 31.58
CA ALA C 50 3.74 6.35 30.48
C ALA C 50 3.06 5.18 29.74
N LEU C 51 2.40 4.33 30.51
CA LEU C 51 1.64 3.18 30.01
C LEU C 51 0.47 3.66 29.11
N GLN C 52 -0.21 4.74 29.52
CA GLN C 52 -1.30 5.37 28.74
C GLN C 52 -0.80 5.94 27.41
N GLU C 53 0.37 6.59 27.43
CA GLU C 53 0.99 7.15 26.22
C GLU C 53 1.45 6.05 25.25
N ARG C 54 2.24 5.11 25.76
CA ARG C 54 2.80 3.99 24.96
C ARG C 54 1.74 3.11 24.28
N LEU C 55 0.67 2.80 25.01
CA LEU C 55 -0.43 1.97 24.51
C LEU C 55 -1.59 2.77 23.91
N GLN C 56 -1.53 4.11 23.98
CA GLN C 56 -2.54 5.02 23.39
C GLN C 56 -3.98 4.77 23.87
N ILE C 57 -4.13 4.69 25.18
CA ILE C 57 -5.44 4.51 25.85
C ILE C 57 -5.56 5.43 27.07
N ASP C 58 -6.80 5.77 27.44
CA ASP C 58 -7.06 6.71 28.55
C ASP C 58 -6.81 6.10 29.94
N ARG C 59 -6.81 6.97 30.95
CA ARG C 59 -6.59 6.62 32.37
C ARG C 59 -7.58 5.59 32.92
N ALA C 60 -8.86 5.76 32.59
CA ALA C 60 -9.92 4.84 33.02
C ALA C 60 -9.68 3.41 32.51
N ALA C 61 -9.24 3.29 31.26
CA ALA C 61 -8.93 2.00 30.63
C ALA C 61 -7.75 1.33 31.31
N VAL C 62 -6.61 2.04 31.40
CA VAL C 62 -5.39 1.50 32.05
C VAL C 62 -5.62 1.14 33.53
N THR C 63 -6.42 1.93 34.23
CA THR C 63 -6.78 1.64 35.64
C THR C 63 -7.53 0.30 35.74
N ARG C 64 -8.46 0.05 34.82
CA ARG C 64 -9.23 -1.20 34.78
CA ARG C 64 -9.23 -1.20 34.77
C ARG C 64 -8.32 -2.38 34.41
N HIS C 65 -7.50 -2.22 33.36
CA HIS C 65 -6.56 -3.28 32.91
C HIS C 65 -5.61 -3.68 34.03
N LEU C 66 -5.03 -2.68 34.70
CA LEU C 66 -4.10 -2.89 35.83
C LEU C 66 -4.80 -3.53 37.05
N LYS C 67 -6.08 -3.23 37.25
CA LYS C 67 -6.86 -3.81 38.37
C LYS C 67 -7.03 -5.30 38.14
N LEU C 68 -7.48 -5.70 36.95
CA LEU C 68 -7.64 -7.10 36.56
C LEU C 68 -6.30 -7.88 36.57
N LEU C 69 -5.24 -7.25 36.05
CA LEU C 69 -3.89 -7.85 36.03
C LEU C 69 -3.32 -8.05 37.45
N GLU C 70 -3.52 -7.07 38.32
CA GLU C 70 -3.08 -7.16 39.71
C GLU C 70 -3.88 -8.23 40.47
N GLU C 71 -5.18 -8.30 40.20
CA GLU C 71 -6.07 -9.32 40.80
C GLU C 71 -5.64 -10.74 40.39
N SER C 72 -5.27 -10.91 39.12
CA SER C 72 -4.78 -12.20 38.59
C SER C 72 -3.27 -12.46 38.84
N GLY C 73 -2.60 -11.58 39.59
CA GLY C 73 -1.20 -11.75 39.99
C GLY C 73 -0.09 -11.46 38.99
N TYR C 74 -0.42 -10.74 37.92
CA TYR C 74 0.55 -10.39 36.86
C TYR C 74 1.35 -9.10 37.09
N ILE C 75 0.77 -8.12 37.80
CA ILE C 75 1.45 -6.85 38.07
C ILE C 75 1.22 -6.37 39.50
N ILE C 76 2.06 -5.44 39.94
CA ILE C 76 1.90 -4.75 41.24
C ILE C 76 2.21 -3.27 41.08
N ARG C 77 1.49 -2.44 41.84
CA ARG C 77 1.68 -1.00 41.88
C ARG C 77 2.20 -0.69 43.26
N LYS C 78 3.48 -0.32 43.36
CA LYS C 78 4.11 0.04 44.64
C LYS C 78 4.57 1.50 44.60
N ARG C 79 4.53 2.14 45.77
CA ARG C 79 4.98 3.52 45.93
C ARG C 79 6.51 3.56 46.01
N ASN C 80 7.11 4.65 45.55
CA ASN C 80 8.56 4.85 45.59
C ASN C 80 8.98 5.08 47.05
N PRO C 81 9.86 4.20 47.63
CA PRO C 81 10.29 4.39 49.04
C PRO C 81 10.80 5.79 49.43
N ASP C 82 11.48 6.46 48.50
CA ASP C 82 12.02 7.81 48.72
C ASP C 82 10.97 8.92 48.59
N ASN C 83 10.07 8.80 47.60
CA ASN C 83 9.02 9.81 47.34
C ASN C 83 7.70 9.50 48.07
N GLN C 84 7.18 8.29 47.84
CA GLN C 84 5.93 7.74 48.44
C GLN C 84 4.61 8.18 47.77
N ARG C 85 4.51 9.44 47.35
CA ARG C 85 3.35 9.92 46.57
C ARG C 85 3.41 9.37 45.12
N GLU C 86 4.64 9.16 44.62
CA GLU C 86 4.92 8.62 43.28
C GLU C 86 4.63 7.11 43.22
N VAL C 87 3.79 6.71 42.26
CA VAL C 87 3.40 5.30 42.08
C VAL C 87 4.06 4.73 40.81
N LEU C 88 4.65 3.55 40.95
CA LEU C 88 5.34 2.83 39.86
C LEU C 88 4.69 1.47 39.64
N VAL C 89 4.57 1.08 38.37
CA VAL C 89 3.93 -0.18 37.97
C VAL C 89 5.01 -1.19 37.61
N TRP C 90 4.96 -2.36 38.26
CA TRP C 90 5.95 -3.43 38.07
C TRP C 90 5.29 -4.73 37.62
N PRO C 91 5.94 -5.51 36.73
CA PRO C 91 5.44 -6.83 36.40
C PRO C 91 5.95 -7.77 37.49
N THR C 92 5.23 -8.87 37.74
CA THR C 92 5.59 -9.85 38.76
C THR C 92 6.40 -11.00 38.15
N GLU C 93 6.93 -11.87 39.01
CA GLU C 93 7.67 -13.05 38.56
C GLU C 93 6.77 -13.99 37.77
N GLN C 94 5.50 -14.10 38.18
CA GLN C 94 4.46 -14.86 37.47
C GLN C 94 4.35 -14.36 36.02
N ALA C 95 4.32 -13.04 35.84
CA ALA C 95 4.24 -12.41 34.51
C ALA C 95 5.49 -12.71 33.66
N ARG C 96 6.67 -12.57 34.25
CA ARG C 96 7.93 -12.87 33.57
C ARG C 96 8.03 -14.37 33.19
N GLU C 97 7.59 -15.25 34.09
CA GLU C 97 7.57 -16.70 33.81
C GLU C 97 6.52 -17.08 32.76
N ALA C 98 5.29 -16.61 32.92
CA ALA C 98 4.20 -16.87 31.97
C ALA C 98 4.51 -16.48 30.52
N LEU C 99 5.12 -15.31 30.34
CA LEU C 99 5.45 -14.76 29.00
C LEU C 99 6.86 -14.99 28.45
N ILE C 100 7.89 -15.14 29.30
CA ILE C 100 9.30 -15.26 28.85
C ILE C 100 10.08 -16.52 29.32
N THR C 101 10.29 -16.63 30.63
CA THR C 101 11.18 -17.66 31.22
C THR C 101 10.65 -19.07 31.53
N ASN C 102 9.35 -19.21 31.74
CA ASN C 102 8.74 -20.53 32.04
C ASN C 102 7.31 -20.65 31.48
N PRO C 103 7.14 -20.38 30.17
CA PRO C 103 5.80 -20.50 29.58
C PRO C 103 5.36 -21.95 29.42
N SER C 104 4.06 -22.15 29.27
CA SER C 104 3.50 -23.47 28.98
C SER C 104 3.92 -23.87 27.57
N ALA C 105 3.97 -25.17 27.30
CA ALA C 105 4.35 -25.69 25.97
C ALA C 105 3.44 -25.15 24.88
N HIS C 106 2.15 -25.02 25.20
CA HIS C 106 1.17 -24.47 24.28
C HIS C 106 1.51 -23.03 23.90
N HIS C 107 1.78 -22.19 24.91
CA HIS C 107 2.12 -20.78 24.67
C HIS C 107 3.44 -20.59 23.89
N GLN C 108 4.46 -21.44 24.14
CA GLN C 108 5.69 -21.44 23.33
C GLN C 108 5.37 -21.79 21.88
N ALA C 109 4.54 -22.83 21.72
CA ALA C 109 4.06 -23.28 20.42
C ALA C 109 3.34 -22.15 19.68
N ILE C 110 2.45 -21.44 20.39
CA ILE C 110 1.72 -20.28 19.84
C ILE C 110 2.66 -19.13 19.48
N LYS C 111 3.50 -18.72 20.43
CA LYS C 111 4.48 -17.62 20.19
C LYS C 111 5.36 -17.91 18.97
N THR C 112 5.91 -19.12 18.91
CA THR C 112 6.77 -19.57 17.81
C THR C 112 6.00 -19.63 16.47
N SER C 113 4.80 -20.21 16.49
CA SER C 113 3.91 -20.30 15.31
C SER C 113 3.50 -18.91 14.81
N ASN C 115 5.21 -16.05 15.21
CA ASN C 115 6.41 -15.38 14.67
C ASN C 115 6.90 -15.90 13.30
N GLN C 116 6.25 -16.93 12.75
CA GLN C 116 6.57 -17.46 11.42
C GLN C 116 5.36 -17.39 10.43
N ILE C 117 4.35 -16.58 10.76
CA ILE C 117 3.19 -16.35 9.88
C ILE C 117 3.59 -15.42 8.72
N LEU C 118 4.25 -14.31 9.08
CA LEU C 118 4.74 -13.30 8.13
C LEU C 118 6.27 -13.16 8.25
N THR C 119 6.92 -12.89 7.12
CA THR C 119 8.36 -12.60 7.09
C THR C 119 8.57 -11.15 7.56
N VAL C 120 9.82 -10.80 7.90
CA VAL C 120 10.17 -9.43 8.36
C VAL C 120 9.87 -8.38 7.27
N GLU C 121 10.11 -8.74 6.00
CA GLU C 121 9.87 -7.90 4.82
C GLU C 121 8.39 -7.50 4.69
N GLU C 122 7.50 -8.49 4.64
CA GLU C 122 6.05 -8.23 4.51
C GLU C 122 5.43 -7.66 5.79
N SER C 123 6.06 -7.93 6.94
CA SER C 123 5.63 -7.37 8.23
C SER C 123 5.98 -5.87 8.29
N GLU C 124 7.21 -5.52 7.91
CA GLU C 124 7.67 -4.11 7.84
C GLU C 124 6.90 -3.28 6.79
N GLN C 125 6.54 -3.91 5.66
CA GLN C 125 5.78 -3.25 4.58
C GLN C 125 4.35 -2.98 5.02
N PHE C 126 3.74 -3.97 5.68
CA PHE C 126 2.38 -3.86 6.24
C PHE C 126 2.26 -2.67 7.19
N LEU C 127 3.21 -2.56 8.11
CA LEU C 127 3.23 -1.46 9.08
C LEU C 127 3.57 -0.10 8.44
N ALA C 128 4.42 -0.12 7.40
CA ALA C 128 4.75 1.10 6.63
C ALA C 128 3.53 1.62 5.87
N THR C 129 2.77 0.71 5.27
CA THR C 129 1.51 1.05 4.59
C THR C 129 0.44 1.49 5.60
N LEU C 130 0.43 0.90 6.82
CA LEU C 130 -0.51 1.29 7.90
C LEU C 130 -0.23 2.71 8.38
N ASP C 131 1.05 3.04 8.56
CA ASP C 131 1.48 4.40 8.94
C ASP C 131 1.08 5.39 7.84
N LYS C 132 1.36 5.03 6.59
CA LYS C 132 1.00 5.86 5.42
C LYS C 132 -0.51 6.12 5.34
N LEU C 133 -1.31 5.09 5.65
CA LEU C 133 -2.77 5.19 5.69
C LEU C 133 -3.24 6.19 6.76
N LEU C 134 -2.72 6.02 7.98
CA LEU C 134 -3.06 6.87 9.14
C LEU C 134 -2.64 8.34 8.94
N ILE C 135 -1.43 8.55 8.40
CA ILE C 135 -0.94 9.90 8.05
C ILE C 135 -1.90 10.57 7.04
N GLY C 136 -2.30 9.81 6.01
CA GLY C 136 -3.25 10.28 5.00
C GLY C 136 -4.63 10.64 5.53
N LEU C 137 -5.17 9.78 6.41
CA LEU C 137 -6.50 10.03 7.02
C LEU C 137 -6.48 11.23 8.00
N GLN C 138 -5.36 11.44 8.70
CA GLN C 138 -5.20 12.61 9.58
C GLN C 138 -5.01 13.93 8.78
N ASN C 139 -4.53 13.82 7.53
CA ASN C 139 -4.36 14.97 6.62
C ASN C 139 -5.56 15.25 5.67
N LEU C 140 -6.74 14.68 5.96
CA LEU C 140 -7.96 14.92 5.14
C LEU C 140 -8.44 16.38 5.23
N PRO C 141 -9.19 16.88 4.22
CA PRO C 141 -9.67 18.28 4.23
C PRO C 141 -10.56 18.67 5.42
N ILE C 142 -10.23 19.80 6.04
CA ILE C 142 -10.96 20.41 7.18
C ILE C 142 -11.33 19.44 8.34
N GLN D 3 7.98 -10.91 21.42
CA GLN D 3 6.92 -10.93 20.37
C GLN D 3 6.89 -9.64 19.55
N GLU D 4 7.54 -9.65 18.39
CA GLU D 4 7.44 -8.55 17.41
C GLU D 4 6.07 -8.63 16.70
N GLU D 6 3.02 -9.57 18.15
CA GLU D 6 1.97 -8.98 19.01
C GLU D 6 2.01 -7.44 18.98
N ASP D 7 3.21 -6.86 18.76
CA ASP D 7 3.35 -5.41 18.58
C ASP D 7 2.51 -5.01 17.36
N LEU D 8 2.73 -5.70 16.23
CA LEU D 8 1.96 -5.47 14.99
C LEU D 8 0.45 -5.61 15.20
N LEU D 9 0.04 -6.67 15.91
CA LEU D 9 -1.37 -6.92 16.25
C LEU D 9 -1.96 -5.79 17.09
N TYR D 10 -1.17 -5.31 18.07
CA TYR D 10 -1.60 -4.18 18.89
C TYR D 10 -1.65 -2.86 18.11
N ARG D 11 -0.62 -2.60 17.27
CA ARG D 11 -0.56 -1.41 16.38
C ARG D 11 -1.82 -1.33 15.49
N LEU D 12 -2.27 -2.51 15.04
CA LEU D 12 -3.48 -2.66 14.22
C LEU D 12 -4.75 -2.27 15.01
N LYS D 13 -4.81 -2.65 16.29
CA LYS D 13 -5.94 -2.30 17.17
C LYS D 13 -6.04 -0.77 17.37
N VAL D 14 -4.89 -0.13 17.64
CA VAL D 14 -4.85 1.34 17.85
C VAL D 14 -5.20 2.08 16.54
N ALA D 15 -4.76 1.53 15.40
CA ALA D 15 -5.08 2.07 14.07
C ALA D 15 -6.60 2.03 13.81
N ASP D 16 -7.22 0.88 14.09
CA ASP D 16 -8.68 0.69 13.94
C ASP D 16 -9.49 1.69 14.78
N GLU D 17 -9.04 1.99 16.00
CA GLU D 17 -9.69 2.99 16.86
C GLU D 17 -9.53 4.40 16.33
N THR D 18 -8.34 4.72 15.81
CA THR D 18 -8.06 6.02 15.21
C THR D 18 -8.83 6.22 13.89
N ILE D 19 -8.84 5.19 13.05
CA ILE D 19 -9.58 5.20 11.78
C ILE D 19 -11.10 5.39 11.99
N SER D 20 -11.68 4.61 12.88
CA SER D 20 -13.13 4.63 13.15
C SER D 20 -13.65 5.99 13.64
N ASN D 21 -12.94 6.61 14.57
CA ASN D 21 -13.29 7.96 15.07
C ASN D 21 -13.20 9.01 13.96
N LEU D 22 -12.08 8.97 13.23
CA LEU D 22 -11.78 9.89 12.14
C LEU D 22 -12.78 9.75 10.97
N PHE D 23 -13.18 8.51 10.67
CA PHE D 23 -14.14 8.22 9.58
C PHE D 23 -15.53 8.76 9.91
N GLU D 24 -16.03 8.44 11.10
CA GLU D 24 -17.34 8.90 11.57
C GLU D 24 -17.45 10.42 11.65
N LYS D 25 -16.35 11.09 12.02
CA LYS D 25 -16.30 12.56 12.07
C LYS D 25 -16.28 13.23 10.70
N GLN D 26 -15.60 12.62 9.74
CA GLN D 26 -15.47 13.18 8.38
C GLN D 26 -16.67 12.89 7.45
N LEU D 27 -17.19 11.67 7.51
CA LEU D 27 -18.36 11.26 6.69
C LEU D 27 -19.72 11.32 7.42
N GLY D 28 -19.73 11.48 8.74
CA GLY D 28 -20.97 11.58 9.54
C GLY D 28 -21.74 10.29 9.79
N ILE D 29 -21.17 9.15 9.40
CA ILE D 29 -21.75 7.82 9.59
C ILE D 29 -20.59 6.91 9.99
N SER D 30 -20.83 5.94 10.88
CA SER D 30 -19.76 5.01 11.28
C SER D 30 -19.31 4.14 10.10
N LEU D 31 -18.08 3.62 10.20
CA LEU D 31 -17.50 2.77 9.16
C LEU D 31 -18.39 1.55 8.85
N THR D 32 -18.85 0.87 9.90
CA THR D 32 -19.71 -0.30 9.80
C THR D 32 -21.04 0.03 9.13
N ARG D 33 -21.70 1.09 9.61
CA ARG D 33 -22.98 1.55 9.02
C ARG D 33 -22.82 2.06 7.58
N TYR D 34 -21.69 2.71 7.30
CA TYR D 34 -21.37 3.17 5.94
C TYR D 34 -21.21 1.98 4.98
N SER D 35 -20.59 0.90 5.47
CA SER D 35 -20.40 -0.33 4.69
C SER D 35 -21.72 -1.06 4.41
N ILE D 36 -22.61 -1.11 5.41
CA ILE D 36 -23.97 -1.65 5.24
C ILE D 36 -24.70 -0.89 4.12
N LEU D 37 -24.59 0.44 4.11
CA LEU D 37 -25.23 1.29 3.09
C LEU D 37 -24.69 1.05 1.68
N GLN D 38 -23.36 0.97 1.53
CA GLN D 38 -22.74 0.68 0.22
CA GLN D 38 -22.74 0.68 0.22
C GLN D 38 -23.13 -0.71 -0.30
N THR D 39 -23.25 -1.68 0.62
CA THR D 39 -23.69 -3.05 0.30
C THR D 39 -25.14 -3.06 -0.18
N LEU D 40 -26.00 -2.33 0.54
CA LEU D 40 -27.42 -2.17 0.17
C LEU D 40 -27.63 -1.38 -1.13
N LEU D 41 -26.86 -0.30 -1.32
CA LEU D 41 -26.94 0.51 -2.56
C LEU D 41 -26.58 -0.30 -3.81
N LYS D 42 -25.65 -1.25 -3.68
CA LYS D 42 -25.25 -2.12 -4.78
C LYS D 42 -26.29 -3.24 -5.02
N ASP D 43 -26.56 -4.04 -3.98
CA ASP D 43 -27.37 -5.28 -4.09
C ASP D 43 -28.76 -5.37 -3.40
N ALA D 44 -29.39 -4.26 -3.03
CA ALA D 44 -30.72 -4.35 -2.36
C ALA D 44 -31.83 -4.93 -3.25
N PRO D 45 -32.85 -5.59 -2.66
CA PRO D 45 -33.08 -5.86 -1.23
C PRO D 45 -32.37 -7.11 -0.72
N LEU D 46 -31.71 -6.99 0.44
CA LEU D 46 -31.01 -8.09 1.10
C LEU D 46 -31.74 -8.52 2.35
N HIS D 47 -31.57 -9.79 2.72
CA HIS D 47 -32.08 -10.32 3.99
C HIS D 47 -31.07 -9.89 5.07
N GLN D 48 -31.53 -9.85 6.32
CA GLN D 48 -30.68 -9.45 7.44
C GLN D 48 -29.51 -10.43 7.66
N LEU D 49 -29.74 -11.73 7.46
CA LEU D 49 -28.68 -12.75 7.59
C LEU D 49 -27.61 -12.60 6.51
N ALA D 50 -28.03 -12.24 5.29
CA ALA D 50 -27.13 -11.98 4.17
C ALA D 50 -26.18 -10.83 4.51
N LEU D 51 -26.76 -9.76 5.08
CA LEU D 51 -26.04 -8.56 5.49
C LEU D 51 -25.03 -8.89 6.60
N GLN D 52 -25.46 -9.69 7.60
CA GLN D 52 -24.58 -10.22 8.68
C GLN D 52 -23.40 -11.03 8.11
N GLU D 53 -23.70 -11.83 7.08
CA GLU D 53 -22.74 -12.73 6.43
C GLU D 53 -21.74 -11.96 5.55
N ARG D 54 -22.23 -11.03 4.72
CA ARG D 54 -21.36 -10.15 3.89
C ARG D 54 -20.36 -9.35 4.75
N LEU D 55 -20.90 -8.71 5.80
CA LEU D 55 -20.13 -7.84 6.69
C LEU D 55 -19.43 -8.52 7.87
N GLN D 56 -19.61 -9.84 8.03
CA GLN D 56 -18.92 -10.64 9.06
C GLN D 56 -19.16 -10.13 10.50
N ILE D 57 -20.44 -10.01 10.84
CA ILE D 57 -20.90 -9.52 12.14
C ILE D 57 -22.15 -10.28 12.59
N ASP D 58 -22.32 -10.42 13.90
CA ASP D 58 -23.44 -11.18 14.51
C ASP D 58 -24.80 -10.47 14.40
N ARG D 59 -25.87 -11.21 14.72
CA ARG D 59 -27.26 -10.71 14.67
C ARG D 59 -27.53 -9.51 15.58
N ALA D 60 -26.93 -9.51 16.77
CA ALA D 60 -27.04 -8.39 17.73
C ALA D 60 -26.47 -7.09 17.17
N ALA D 61 -25.34 -7.20 16.46
CA ALA D 61 -24.69 -6.03 15.85
C ALA D 61 -25.51 -5.46 14.69
N VAL D 62 -25.86 -6.29 13.73
CA VAL D 62 -26.64 -5.87 12.53
C VAL D 62 -27.99 -5.24 12.87
N THR D 63 -28.71 -5.83 13.83
CA THR D 63 -30.01 -5.29 14.28
C THR D 63 -29.83 -3.89 14.89
N ARG D 64 -28.77 -3.72 15.69
CA ARG D 64 -28.44 -2.44 16.29
C ARG D 64 -28.01 -1.39 15.24
N HIS D 65 -27.21 -1.81 14.26
CA HIS D 65 -26.77 -0.93 13.16
C HIS D 65 -27.93 -0.46 12.30
N LEU D 66 -28.80 -1.41 11.91
CA LEU D 66 -29.98 -1.11 11.08
C LEU D 66 -31.03 -0.24 11.80
N LYS D 67 -31.14 -0.39 13.13
CA LYS D 67 -32.06 0.44 13.94
C LYS D 67 -31.59 1.91 13.93
N LEU D 68 -30.29 2.13 14.05
CA LEU D 68 -29.69 3.48 13.93
C LEU D 68 -29.79 4.03 12.50
N LEU D 69 -29.60 3.17 11.50
CA LEU D 69 -29.74 3.57 10.08
C LEU D 69 -31.18 3.89 9.70
N GLU D 70 -32.14 3.17 10.28
CA GLU D 70 -33.58 3.41 10.05
C GLU D 70 -34.03 4.69 10.78
N GLU D 71 -33.52 4.89 11.99
CA GLU D 71 -33.73 6.11 12.80
C GLU D 71 -33.32 7.38 12.02
N SER D 72 -32.17 7.33 11.35
CA SER D 72 -31.64 8.44 10.53
C SER D 72 -32.18 8.53 9.08
N GLY D 73 -33.17 7.72 8.73
CA GLY D 73 -33.78 7.72 7.40
C GLY D 73 -32.98 7.15 6.24
N TYR D 74 -31.90 6.41 6.54
CA TYR D 74 -31.03 5.82 5.52
C TYR D 74 -31.49 4.45 4.98
N ILE D 75 -32.20 3.67 5.79
CA ILE D 75 -32.72 2.35 5.37
C ILE D 75 -34.13 2.11 5.88
N ILE D 76 -34.82 1.17 5.22
CA ILE D 76 -36.17 0.73 5.62
C ILE D 76 -36.19 -0.80 5.60
N ARG D 77 -36.82 -1.41 6.61
CA ARG D 77 -36.97 -2.88 6.67
C ARG D 77 -38.36 -3.27 7.17
N LYS D 78 -38.93 -4.33 6.56
CA LYS D 78 -40.27 -4.85 6.88
C LYS D 78 -40.31 -6.39 6.86
N VAL D 87 -37.06 -10.96 6.91
CA VAL D 87 -36.88 -9.52 7.10
C VAL D 87 -35.96 -8.94 6.00
N LEU D 88 -36.57 -8.27 5.01
CA LEU D 88 -35.84 -7.63 3.89
C LEU D 88 -35.41 -6.22 4.30
N VAL D 89 -34.30 -5.75 3.71
CA VAL D 89 -33.72 -4.42 3.99
C VAL D 89 -33.40 -3.67 2.69
N TRP D 90 -33.92 -2.44 2.59
CA TRP D 90 -33.72 -1.54 1.44
C TRP D 90 -33.04 -0.25 1.90
N PRO D 91 -32.18 0.37 1.04
CA PRO D 91 -31.69 1.70 1.32
C PRO D 91 -32.73 2.70 0.82
N THR D 92 -32.71 3.90 1.38
CA THR D 92 -33.63 4.98 0.97
C THR D 92 -33.00 5.86 -0.10
N GLU D 93 -33.80 6.75 -0.68
CA GLU D 93 -33.31 7.71 -1.69
C GLU D 93 -32.33 8.69 -1.02
N GLN D 94 -32.56 9.00 0.26
CA GLN D 94 -31.66 9.80 1.10
C GLN D 94 -30.25 9.16 1.15
N ALA D 95 -30.21 7.83 1.29
CA ALA D 95 -28.96 7.06 1.33
C ALA D 95 -28.20 7.13 0.01
N ARG D 96 -28.92 6.92 -1.10
CA ARG D 96 -28.30 6.98 -2.45
CA ARG D 96 -28.33 6.98 -2.44
C ARG D 96 -27.85 8.41 -2.76
N GLU D 97 -28.65 9.40 -2.37
CA GLU D 97 -28.29 10.80 -2.56
C GLU D 97 -27.07 11.17 -1.71
N ALA D 98 -27.09 10.85 -0.42
CA ALA D 98 -25.97 11.18 0.49
C ALA D 98 -24.62 10.55 0.13
N LEU D 99 -24.64 9.27 -0.27
CA LEU D 99 -23.40 8.52 -0.60
C LEU D 99 -22.98 8.55 -2.07
N ILE D 100 -23.96 8.49 -2.99
CA ILE D 100 -23.68 8.36 -4.44
C ILE D 100 -24.09 9.54 -5.36
N THR D 101 -25.41 9.74 -5.53
CA THR D 101 -25.95 10.70 -6.54
C THR D 101 -25.94 12.21 -6.21
N ASN D 102 -25.95 12.60 -4.94
CA ASN D 102 -25.90 14.03 -4.56
C ASN D 102 -25.18 14.23 -3.21
N PRO D 103 -23.88 13.86 -3.13
CA PRO D 103 -23.17 14.03 -1.86
C PRO D 103 -22.79 15.49 -1.63
N SER D 104 -22.57 15.86 -0.36
CA SER D 104 -22.17 17.22 -0.02
C SER D 104 -20.74 17.47 -0.51
N ALA D 105 -20.40 18.74 -0.70
CA ALA D 105 -19.06 19.17 -1.17
C ALA D 105 -17.95 18.59 -0.29
N HIS D 106 -18.17 18.64 1.03
CA HIS D 106 -17.24 18.09 2.03
C HIS D 106 -17.06 16.58 1.84
N HIS D 107 -18.16 15.83 1.75
CA HIS D 107 -18.09 14.36 1.56
C HIS D 107 -17.44 13.94 0.24
N GLN D 108 -17.65 14.73 -0.83
CA GLN D 108 -16.99 14.48 -2.12
C GLN D 108 -15.48 14.65 -1.95
N ALA D 109 -15.08 15.78 -1.36
CA ALA D 109 -13.67 16.11 -1.08
C ALA D 109 -12.96 15.09 -0.20
N ILE D 110 -13.68 14.57 0.80
CA ILE D 110 -13.17 13.54 1.72
C ILE D 110 -12.95 12.21 0.95
N LYS D 111 -13.95 11.78 0.19
CA LYS D 111 -13.86 10.52 -0.61
C LYS D 111 -12.79 10.56 -1.70
N THR D 112 -12.65 11.70 -2.36
CA THR D 112 -11.60 11.90 -3.38
C THR D 112 -10.23 11.84 -2.70
N SER D 113 -10.09 12.54 -1.57
CA SER D 113 -8.85 12.54 -0.77
C SER D 113 -8.52 11.15 -0.17
N ASN D 115 -9.43 8.09 -1.34
CA ASN D 115 -9.04 7.17 -2.40
C ASN D 115 -7.66 7.41 -3.01
N GLN D 116 -7.08 8.60 -2.83
CA GLN D 116 -5.71 8.91 -3.30
C GLN D 116 -4.61 8.79 -2.21
N ILE D 117 -4.92 8.15 -1.06
CA ILE D 117 -3.94 7.94 0.04
C ILE D 117 -2.98 6.81 -0.35
N LEU D 118 -3.54 5.68 -0.75
CA LEU D 118 -2.79 4.51 -1.22
C LEU D 118 -3.13 4.22 -2.68
N THR D 119 -2.16 3.67 -3.41
CA THR D 119 -2.40 3.20 -4.77
C THR D 119 -3.11 1.83 -4.65
N VAL D 120 -3.65 1.35 -5.76
CA VAL D 120 -4.30 0.02 -5.79
C VAL D 120 -3.29 -1.09 -5.46
N GLU D 121 -2.06 -0.98 -6.00
CA GLU D 121 -0.99 -1.96 -5.75
C GLU D 121 -0.70 -2.15 -4.27
N GLU D 122 -0.31 -1.07 -3.58
CA GLU D 122 0.00 -1.12 -2.14
C GLU D 122 -1.22 -1.44 -1.25
N SER D 123 -2.42 -1.10 -1.73
CA SER D 123 -3.68 -1.41 -1.07
C SER D 123 -3.96 -2.92 -1.16
N GLU D 124 -3.78 -3.50 -2.35
CA GLU D 124 -3.96 -4.95 -2.55
C GLU D 124 -2.92 -5.79 -1.81
N GLN D 125 -1.68 -5.29 -1.75
CA GLN D 125 -0.59 -5.95 -1.01
C GLN D 125 -0.87 -5.94 0.49
N PHE D 126 -1.39 -4.82 0.99
CA PHE D 126 -1.80 -4.65 2.40
C PHE D 126 -2.90 -5.65 2.79
N LEU D 127 -3.93 -5.78 1.94
CA LEU D 127 -5.04 -6.71 2.17
C LEU D 127 -4.61 -8.19 1.98
N ALA D 128 -3.67 -8.45 1.07
CA ALA D 128 -3.10 -9.80 0.87
C ALA D 128 -2.31 -10.25 2.11
N THR D 129 -1.54 -9.32 2.68
CA THR D 129 -0.80 -9.58 3.92
C THR D 129 -1.78 -9.72 5.12
N LEU D 130 -2.85 -8.92 5.13
CA LEU D 130 -3.91 -9.01 6.17
C LEU D 130 -4.58 -10.37 6.14
N ASP D 131 -4.95 -10.84 4.93
CA ASP D 131 -5.56 -12.18 4.74
C ASP D 131 -4.62 -13.31 5.17
N LYS D 132 -3.35 -13.22 4.75
CA LYS D 132 -2.29 -14.19 5.10
C LYS D 132 -2.15 -14.31 6.62
N LEU D 133 -2.13 -13.17 7.31
CA LEU D 133 -2.03 -13.09 8.77
C LEU D 133 -3.22 -13.76 9.45
N LEU D 134 -4.44 -13.46 8.98
CA LEU D 134 -5.67 -14.07 9.52
C LEU D 134 -5.73 -15.59 9.32
N ILE D 135 -5.26 -16.08 8.16
CA ILE D 135 -5.20 -17.53 7.89
C ILE D 135 -4.19 -18.17 8.86
N GLY D 136 -3.02 -17.56 9.04
CA GLY D 136 -1.99 -18.03 9.97
C GLY D 136 -2.45 -18.09 11.42
N LEU D 137 -3.14 -17.03 11.87
CA LEU D 137 -3.70 -16.97 13.24
C LEU D 137 -4.83 -17.98 13.46
N GLN D 138 -5.65 -18.20 12.43
CA GLN D 138 -6.71 -19.23 12.45
C GLN D 138 -6.13 -20.66 12.36
N ASN D 139 -4.93 -20.81 11.79
CA ASN D 139 -4.23 -22.11 11.69
C ASN D 139 -3.29 -22.43 12.88
N LEU D 140 -3.31 -21.63 13.96
CA LEU D 140 -2.45 -21.86 15.13
C LEU D 140 -2.79 -23.18 15.85
N PRO D 141 -1.79 -23.85 16.47
CA PRO D 141 -1.98 -25.16 17.14
C PRO D 141 -3.21 -25.30 18.05
N ILE D 142 -3.86 -26.47 17.95
CA ILE D 142 -5.04 -26.90 18.74
C ILE D 142 -6.23 -25.93 18.85
#